data_9VEQ
#
_entry.id   9VEQ
#
_cell.length_a   125.810
_cell.length_b   75.199
_cell.length_c   110.368
_cell.angle_alpha   90.00
_cell.angle_beta   105.10
_cell.angle_gamma   90.00
#
_symmetry.space_group_name_H-M   'C 1 2 1'
#
loop_
_entity.id
_entity.type
_entity.pdbx_description
1 polymer 'Kelch-like ECH-associated protein 1'
2 non-polymer '4-[1,4-bis[(4-ethoxyphenyl)sulfonylamino]naphthalen-2-yl]butanoic acid'
3 non-polymer 'FORMIC ACID'
4 water water
#
_entity_poly.entity_id   1
_entity_poly.type   'polypeptide(L)'
_entity_poly.pdbx_seq_one_letter_code
;GAPKVGRLIYTAGGYFRQSLSYLEAYNPSNGSWLRLADLQVPRSGLAGCVVGGLLYAVGGRNNSPDGNTDSSALDCYNPM
TNQWSPCASMSVPRNRIGVGVIDGHIYAVGGSHGCIHHSSVERYEPERDEWHLVAPMLTRRIGVGVAVLNRLLYAVGGFD
GTNRLNSAECYYPERNEWRMITPMNTIRSGAGVCVLHNCIYAAGGYDGQDQLNSVERYDVETETWTFVAPMRHHRSALGI
TVHQGKIYVLGGYDGHTFLDSVECYDPDSDTWSEVTRMTSGRSGVGVAVT
;
_entity_poly.pdbx_strand_id   A,B
#
loop_
_chem_comp.id
_chem_comp.type
_chem_comp.name
_chem_comp.formula
A1L98 non-polymer '4-[1,4-bis[(4-ethoxyphenyl)sulfonylamino]naphthalen-2-yl]butanoic acid' 'C30 H32 N2 O8 S2'
FMT non-polymer 'FORMIC ACID' 'C H2 O2'
#
# COMPACT_ATOMS: atom_id res chain seq x y z
N GLY A 6 29.16 -9.59 12.42
CA GLY A 6 29.63 -8.55 11.53
C GLY A 6 29.34 -8.89 10.08
N ARG A 7 28.34 -9.73 9.89
CA ARG A 7 27.95 -10.10 8.54
C ARG A 7 27.15 -8.96 7.90
N LEU A 8 27.24 -8.84 6.58
CA LEU A 8 26.59 -7.76 5.86
C LEU A 8 25.50 -8.28 4.95
N ILE A 9 24.54 -7.41 4.65
CA ILE A 9 23.50 -7.70 3.66
C ILE A 9 23.95 -7.11 2.32
N TYR A 10 24.24 -7.99 1.36
CA TYR A 10 24.71 -7.57 0.04
C TYR A 10 23.53 -7.52 -0.92
N THR A 11 23.45 -6.44 -1.71
CA THR A 11 22.43 -6.37 -2.75
C THR A 11 23.12 -6.06 -4.08
N ALA A 12 22.85 -6.90 -5.07
CA ALA A 12 23.54 -6.84 -6.36
C ALA A 12 22.53 -6.59 -7.47
N GLY A 13 22.90 -5.72 -8.41
CA GLY A 13 22.07 -5.53 -9.59
C GLY A 13 20.75 -4.84 -9.28
N GLY A 14 19.75 -5.14 -10.08
CA GLY A 14 18.44 -4.54 -9.93
C GLY A 14 18.06 -3.73 -11.14
N TYR A 15 16.95 -3.01 -11.02
CA TYR A 15 16.40 -2.27 -12.14
C TYR A 15 15.82 -0.95 -11.68
N PHE A 16 16.17 0.12 -12.42
CA PHE A 16 15.50 1.41 -12.36
C PHE A 16 15.79 2.07 -13.69
N ARG A 17 14.78 2.14 -14.56
CA ARG A 17 14.87 2.64 -15.94
C ARG A 17 15.64 1.67 -16.85
N GLN A 18 16.69 1.05 -16.32
CA GLN A 18 17.46 0.03 -17.02
C GLN A 18 18.06 -0.87 -15.95
N SER A 19 18.58 -2.03 -16.37
CA SER A 19 19.25 -2.91 -15.41
C SER A 19 20.50 -2.22 -14.88
N LEU A 20 20.81 -2.52 -13.62
CA LEU A 20 21.81 -1.81 -12.83
C LEU A 20 23.03 -2.67 -12.54
N SER A 21 24.14 -2.01 -12.21
CA SER A 21 25.39 -2.70 -11.91
C SER A 21 25.80 -2.62 -10.45
N TYR A 22 24.96 -2.03 -9.57
CA TYR A 22 25.33 -1.82 -8.17
C TYR A 22 25.69 -3.11 -7.46
N LEU A 23 26.73 -3.04 -6.64
CA LEU A 23 26.88 -3.94 -5.50
C LEU A 23 27.03 -3.06 -4.27
N GLU A 24 26.09 -3.16 -3.35
CA GLU A 24 26.13 -2.40 -2.11
C GLU A 24 25.84 -3.33 -0.95
N ALA A 25 26.34 -2.97 0.23
CA ALA A 25 26.23 -3.82 1.41
C ALA A 25 25.74 -2.97 2.58
N TYR A 26 24.78 -3.50 3.31
CA TYR A 26 24.22 -2.81 4.46
C TYR A 26 24.69 -3.52 5.73
N ASN A 27 25.18 -2.75 6.70
CA ASN A 27 25.56 -3.26 8.01
C ASN A 27 24.45 -2.97 9.00
N PRO A 28 23.63 -3.95 9.39
CA PRO A 28 22.54 -3.65 10.33
C PRO A 28 23.03 -3.23 11.70
N SER A 29 24.29 -3.51 12.05
CA SER A 29 24.79 -3.12 13.36
C SER A 29 24.93 -1.61 13.49
N ASN A 30 25.42 -0.94 12.45
CA ASN A 30 25.70 0.49 12.51
C ASN A 30 24.98 1.30 11.45
N GLY A 31 24.15 0.70 10.61
CA GLY A 31 23.38 1.46 9.64
C GLY A 31 24.15 1.95 8.44
N SER A 32 25.40 1.54 8.28
CA SER A 32 26.19 2.03 7.17
C SER A 32 25.86 1.26 5.89
N TRP A 33 25.90 1.99 4.78
CA TRP A 33 25.88 1.40 3.46
C TRP A 33 27.28 1.45 2.86
N LEU A 34 27.71 0.34 2.27
CA LEU A 34 29.00 0.22 1.62
C LEU A 34 28.78 0.23 0.11
N ARG A 35 29.55 1.05 -0.61
CA ARG A 35 29.51 1.01 -2.08
C ARG A 35 30.68 0.15 -2.56
N LEU A 36 30.37 -1.03 -3.10
CA LEU A 36 31.38 -2.00 -3.50
C LEU A 36 31.50 -2.05 -5.01
N ALA A 37 32.35 -2.96 -5.51
CA ALA A 37 32.65 -3.01 -6.93
C ALA A 37 31.41 -3.32 -7.77
N ASP A 38 31.22 -2.56 -8.84
CA ASP A 38 30.14 -2.79 -9.79
C ASP A 38 30.24 -4.19 -10.41
N LEU A 39 29.07 -4.78 -10.68
CA LEU A 39 29.01 -5.94 -11.56
C LEU A 39 29.66 -5.63 -12.92
N GLN A 40 30.21 -6.67 -13.56
CA GLN A 40 30.85 -6.43 -14.85
C GLN A 40 29.83 -6.18 -15.96
N VAL A 41 28.63 -6.75 -15.83
CA VAL A 41 27.52 -6.56 -16.79
C VAL A 41 26.28 -6.22 -15.97
N PRO A 42 25.49 -5.22 -16.35
CA PRO A 42 24.26 -4.93 -15.58
C PRO A 42 23.31 -6.11 -15.60
N ARG A 43 22.55 -6.25 -14.52
CA ARG A 43 21.53 -7.30 -14.52
C ARG A 43 20.47 -7.03 -13.48
N SER A 44 19.25 -7.41 -13.83
CA SER A 44 18.09 -7.42 -12.97
C SER A 44 17.46 -8.79 -13.10
N GLY A 45 16.56 -9.13 -12.17
CA GLY A 45 15.95 -10.43 -12.21
C GLY A 45 16.91 -11.56 -11.91
N LEU A 46 18.06 -11.25 -11.33
CA LEU A 46 19.06 -12.22 -10.90
C LEU A 46 18.78 -12.65 -9.46
N ALA A 47 19.50 -13.67 -9.00
CA ALA A 47 19.46 -14.07 -7.61
C ALA A 47 20.87 -14.04 -7.02
N GLY A 48 20.96 -13.84 -5.71
CA GLY A 48 22.25 -13.88 -5.03
C GLY A 48 22.27 -15.00 -4.02
N CYS A 49 23.48 -15.52 -3.76
CA CYS A 49 23.66 -16.51 -2.71
C CYS A 49 25.12 -16.47 -2.29
N VAL A 50 25.42 -17.16 -1.19
CA VAL A 50 26.76 -17.19 -0.65
C VAL A 50 27.15 -18.64 -0.40
N VAL A 51 28.35 -19.02 -0.84
CA VAL A 51 28.95 -20.30 -0.51
C VAL A 51 30.40 -20.05 -0.10
N GLY A 52 30.78 -20.53 1.08
CA GLY A 52 32.16 -20.40 1.52
C GLY A 52 32.66 -18.97 1.52
N GLY A 53 31.84 -18.02 1.96
CA GLY A 53 32.25 -16.64 2.06
C GLY A 53 32.33 -15.87 0.75
N LEU A 54 32.01 -16.51 -0.37
CA LEU A 54 31.95 -15.85 -1.67
C LEU A 54 30.50 -15.57 -2.03
N LEU A 55 30.25 -14.40 -2.63
CA LEU A 55 28.92 -14.01 -3.07
C LEU A 55 28.79 -14.35 -4.56
N TYR A 56 27.67 -14.97 -4.94
CA TYR A 56 27.43 -15.35 -6.33
C TYR A 56 26.23 -14.60 -6.87
N ALA A 57 26.36 -14.09 -8.10
CA ALA A 57 25.25 -13.45 -8.81
C ALA A 57 24.88 -14.39 -9.96
N VAL A 58 23.62 -14.80 -10.00
CA VAL A 58 23.17 -15.89 -10.87
C VAL A 58 22.06 -15.41 -11.80
N GLY A 59 22.25 -15.62 -13.11
CA GLY A 59 21.15 -15.39 -14.02
C GLY A 59 20.76 -13.93 -14.17
N GLY A 60 19.49 -13.74 -14.53
CA GLY A 60 18.93 -12.41 -14.71
C GLY A 60 18.90 -11.96 -16.15
N ARG A 61 18.95 -10.66 -16.38
CA ARG A 61 18.76 -10.09 -17.72
C ARG A 61 19.32 -8.68 -17.72
N ASN A 62 19.89 -8.28 -18.86
CA ASN A 62 20.29 -6.88 -19.04
C ASN A 62 19.22 -6.19 -19.87
N ASN A 63 18.37 -5.42 -19.19
CA ASN A 63 17.31 -4.61 -19.80
C ASN A 63 17.95 -3.25 -20.03
N SER A 64 18.31 -2.92 -21.26
CA SER A 64 19.04 -1.69 -21.54
C SER A 64 18.35 -0.93 -22.66
N PRO A 65 18.73 0.33 -22.87
CA PRO A 65 18.18 1.07 -24.02
C PRO A 65 18.54 0.46 -25.37
N ASP A 66 19.65 -0.27 -25.46
CA ASP A 66 20.06 -0.87 -26.72
C ASP A 66 19.50 -2.27 -26.95
N GLY A 67 18.79 -2.84 -25.99
CA GLY A 67 18.23 -4.17 -26.14
C GLY A 67 18.17 -4.88 -24.81
N ASN A 68 17.59 -6.07 -24.83
CA ASN A 68 17.41 -6.88 -23.63
C ASN A 68 17.97 -8.27 -23.89
N THR A 69 18.83 -8.73 -22.99
CA THR A 69 19.55 -9.98 -23.16
C THR A 69 19.47 -10.77 -21.87
N ASP A 70 18.84 -11.94 -21.91
CA ASP A 70 18.81 -12.81 -20.74
C ASP A 70 20.20 -13.34 -20.46
N SER A 71 20.50 -13.58 -19.18
CA SER A 71 21.84 -13.96 -18.73
C SER A 71 21.87 -15.42 -18.27
N SER A 72 22.87 -16.17 -18.76
CA SER A 72 23.26 -17.46 -18.20
C SER A 72 24.44 -17.34 -17.23
N ALA A 73 24.83 -16.12 -16.88
CA ALA A 73 26.08 -15.88 -16.18
C ALA A 73 26.01 -16.29 -14.71
N LEU A 74 27.14 -16.82 -14.22
CA LEU A 74 27.43 -16.95 -12.80
C LEU A 74 28.68 -16.14 -12.54
N ASP A 75 28.60 -15.13 -11.68
CA ASP A 75 29.75 -14.32 -11.33
C ASP A 75 29.97 -14.38 -9.83
N CYS A 76 31.25 -14.39 -9.45
CA CYS A 76 31.70 -14.67 -8.10
C CYS A 76 32.36 -13.41 -7.56
N TYR A 77 31.87 -12.92 -6.43
CA TYR A 77 32.43 -11.74 -5.78
C TYR A 77 33.15 -12.15 -4.50
N ASN A 78 34.42 -11.75 -4.38
CA ASN A 78 35.21 -12.02 -3.18
C ASN A 78 35.27 -10.77 -2.34
N PRO A 79 34.64 -10.76 -1.15
CA PRO A 79 34.68 -9.55 -0.32
C PRO A 79 36.07 -9.16 0.12
N MET A 80 37.00 -10.12 0.17
CA MET A 80 38.36 -9.80 0.62
C MET A 80 39.12 -9.00 -0.42
N THR A 81 38.78 -9.17 -1.70
CA THR A 81 39.45 -8.46 -2.78
C THR A 81 38.58 -7.42 -3.45
N ASN A 82 37.29 -7.36 -3.10
CA ASN A 82 36.34 -6.43 -3.72
C ASN A 82 36.36 -6.59 -5.24
N GLN A 83 36.47 -7.83 -5.69
CA GLN A 83 36.59 -8.13 -7.12
C GLN A 83 35.57 -9.17 -7.54
N TRP A 84 34.87 -8.88 -8.64
CA TRP A 84 34.02 -9.83 -9.35
C TRP A 84 34.86 -10.63 -10.34
N SER A 85 34.64 -11.94 -10.39
CA SER A 85 35.24 -12.81 -11.39
C SER A 85 34.18 -13.65 -12.06
N PRO A 86 34.29 -13.88 -13.37
CA PRO A 86 33.37 -14.81 -14.03
C PRO A 86 33.60 -16.26 -13.58
N CYS A 87 32.52 -16.96 -13.35
CA CYS A 87 32.52 -18.39 -13.07
C CYS A 87 31.84 -19.08 -14.25
N ALA A 88 31.70 -20.40 -14.16
CA ALA A 88 31.13 -21.15 -15.27
C ALA A 88 29.68 -20.73 -15.52
N SER A 89 29.33 -20.50 -16.78
CA SER A 89 27.96 -20.17 -17.14
C SER A 89 27.05 -21.39 -17.05
N MET A 90 25.78 -21.10 -16.83
CA MET A 90 24.70 -22.05 -16.73
C MET A 90 24.44 -22.64 -18.12
N SER A 91 23.70 -23.75 -18.15
CA SER A 91 23.35 -24.36 -19.43
C SER A 91 22.48 -23.47 -20.30
N VAL A 92 21.74 -22.54 -19.70
CA VAL A 92 20.73 -21.75 -20.41
C VAL A 92 20.57 -20.42 -19.68
N PRO A 93 20.24 -19.32 -20.36
CA PRO A 93 19.90 -18.09 -19.64
C PRO A 93 18.67 -18.29 -18.77
N ARG A 94 18.67 -17.65 -17.59
CA ARG A 94 17.54 -17.76 -16.65
C ARG A 94 17.25 -16.38 -16.04
N ASN A 95 16.34 -15.62 -16.66
CA ASN A 95 15.84 -14.40 -16.06
C ASN A 95 14.72 -14.70 -15.05
N ARG A 96 14.64 -13.90 -13.99
CA ARG A 96 13.65 -14.10 -12.93
C ARG A 96 13.80 -15.48 -12.30
N ILE A 97 15.07 -15.81 -12.02
CA ILE A 97 15.51 -17.09 -11.50
C ILE A 97 15.28 -17.14 -9.99
N GLY A 98 15.24 -18.36 -9.46
CA GLY A 98 15.39 -18.59 -8.02
C GLY A 98 16.61 -19.45 -7.75
N VAL A 99 17.25 -19.22 -6.59
CA VAL A 99 18.40 -20.03 -6.23
C VAL A 99 18.34 -20.45 -4.77
N GLY A 100 18.90 -21.62 -4.48
CA GLY A 100 19.10 -22.07 -3.12
C GLY A 100 20.42 -22.81 -3.03
N VAL A 101 20.93 -22.92 -1.81
CA VAL A 101 22.20 -23.60 -1.56
C VAL A 101 21.96 -24.79 -0.65
N ILE A 102 22.43 -25.97 -1.05
CA ILE A 102 22.40 -27.16 -0.21
C ILE A 102 23.78 -27.80 -0.23
N ASP A 103 24.39 -27.95 0.94
CA ASP A 103 25.66 -28.66 1.09
C ASP A 103 26.74 -28.05 0.19
N GLY A 104 26.80 -26.74 0.11
CA GLY A 104 27.83 -26.12 -0.69
C GLY A 104 27.63 -26.07 -2.18
N HIS A 105 26.46 -26.49 -2.63
CA HIS A 105 26.14 -26.45 -4.03
C HIS A 105 24.99 -25.49 -4.32
N ILE A 106 25.07 -24.82 -5.45
CA ILE A 106 24.06 -23.85 -5.82
C ILE A 106 23.06 -24.43 -6.80
N TYR A 107 21.79 -24.31 -6.44
CA TYR A 107 20.74 -24.77 -7.34
C TYR A 107 20.12 -23.57 -8.03
N ALA A 108 20.13 -23.56 -9.37
CA ALA A 108 19.47 -22.56 -10.18
C ALA A 108 18.15 -23.14 -10.63
N VAL A 109 17.05 -22.46 -10.31
CA VAL A 109 15.70 -22.98 -10.46
C VAL A 109 14.90 -22.12 -11.43
N GLY A 110 14.40 -22.71 -12.52
CA GLY A 110 13.40 -22.03 -13.32
C GLY A 110 13.94 -20.80 -14.02
N GLY A 111 13.10 -19.76 -14.14
CA GLY A 111 13.46 -18.56 -14.85
C GLY A 111 13.15 -18.69 -16.32
N SER A 112 13.48 -17.64 -17.10
CA SER A 112 13.09 -17.59 -18.50
C SER A 112 14.27 -17.28 -19.42
N HIS A 113 14.16 -17.79 -20.65
CA HIS A 113 15.07 -17.42 -21.75
C HIS A 113 14.18 -17.02 -22.91
N GLY A 114 14.11 -15.72 -23.20
CA GLY A 114 13.12 -15.26 -24.17
C GLY A 114 11.73 -15.59 -23.65
N CYS A 115 10.91 -16.25 -24.46
CA CYS A 115 9.59 -16.68 -24.04
C CYS A 115 9.56 -18.09 -23.47
N ILE A 116 10.70 -18.76 -23.38
CA ILE A 116 10.76 -20.09 -22.78
C ILE A 116 10.74 -19.94 -21.26
N HIS A 117 9.75 -20.55 -20.63
CA HIS A 117 9.63 -20.57 -19.17
C HIS A 117 10.15 -21.93 -18.70
N HIS A 118 11.29 -21.93 -17.99
CA HIS A 118 11.94 -23.18 -17.63
C HIS A 118 11.24 -23.90 -16.48
N SER A 119 11.16 -25.23 -16.59
CA SER A 119 11.02 -26.10 -15.44
C SER A 119 12.33 -26.74 -15.03
N SER A 120 13.39 -26.56 -15.82
CA SER A 120 14.66 -27.21 -15.56
C SER A 120 15.37 -26.58 -14.36
N VAL A 121 16.26 -27.36 -13.77
CA VAL A 121 17.01 -27.03 -12.56
C VAL A 121 18.43 -27.56 -12.75
N GLU A 122 19.43 -26.78 -12.36
CA GLU A 122 20.80 -27.26 -12.51
C GLU A 122 21.59 -26.87 -11.27
N ARG A 123 22.64 -27.65 -11.01
CA ARG A 123 23.38 -27.60 -9.74
C ARG A 123 24.84 -27.23 -10.02
N TYR A 124 25.35 -26.24 -9.31
CA TYR A 124 26.73 -25.77 -9.45
C TYR A 124 27.58 -26.30 -8.31
N GLU A 125 28.75 -26.85 -8.65
CA GLU A 125 29.67 -27.31 -7.62
C GLU A 125 30.89 -26.41 -7.65
N PRO A 126 31.10 -25.58 -6.64
CA PRO A 126 32.22 -24.62 -6.68
C PRO A 126 33.59 -25.25 -6.83
N GLU A 127 33.85 -26.40 -6.18
CA GLU A 127 35.17 -27.02 -6.30
C GLU A 127 35.49 -27.38 -7.75
N ARG A 128 34.48 -27.73 -8.54
CA ARG A 128 34.69 -28.13 -9.92
C ARG A 128 34.41 -27.02 -10.93
N ASP A 129 33.80 -25.91 -10.50
CA ASP A 129 33.34 -24.85 -11.40
C ASP A 129 32.56 -25.44 -12.58
N GLU A 130 31.58 -26.29 -12.26
CA GLU A 130 30.76 -26.96 -13.25
C GLU A 130 29.30 -26.93 -12.83
N TRP A 131 28.42 -26.85 -13.82
CA TRP A 131 26.98 -27.01 -13.66
C TRP A 131 26.54 -28.36 -14.20
N HIS A 132 25.58 -28.99 -13.52
CA HIS A 132 24.94 -30.19 -14.06
C HIS A 132 23.43 -30.10 -13.85
N LEU A 133 22.67 -30.58 -14.84
CA LEU A 133 21.22 -30.60 -14.71
C LEU A 133 20.79 -31.65 -13.70
N VAL A 134 19.77 -31.33 -12.90
CA VAL A 134 19.18 -32.33 -12.02
C VAL A 134 17.75 -32.51 -12.49
N ALA A 135 16.91 -33.17 -11.68
CA ALA A 135 15.54 -33.42 -12.11
C ALA A 135 14.79 -32.09 -12.25
N PRO A 136 14.01 -31.92 -13.31
CA PRO A 136 13.25 -30.67 -13.47
C PRO A 136 12.05 -30.61 -12.53
N MET A 137 11.60 -29.39 -12.27
CA MET A 137 10.39 -29.28 -11.46
C MET A 137 9.18 -29.84 -12.19
N LEU A 138 8.12 -30.03 -11.42
CA LEU A 138 6.85 -30.47 -11.97
C LEU A 138 6.15 -29.36 -12.77
N THR A 139 6.60 -28.11 -12.61
CA THR A 139 5.93 -26.92 -13.11
C THR A 139 6.97 -25.97 -13.69
N ARG A 140 6.66 -25.35 -14.83
CA ARG A 140 7.49 -24.24 -15.29
C ARG A 140 7.27 -23.04 -14.36
N ARG A 141 8.35 -22.41 -13.90
CA ARG A 141 8.25 -21.30 -12.95
C ARG A 141 9.28 -20.23 -13.25
N ILE A 142 8.82 -19.02 -13.58
CA ILE A 142 9.67 -17.83 -13.58
C ILE A 142 9.13 -16.87 -12.53
N GLY A 143 10.00 -15.99 -12.06
CA GLY A 143 9.59 -15.18 -10.91
C GLY A 143 9.33 -16.03 -9.69
N VAL A 144 10.13 -17.09 -9.52
CA VAL A 144 9.94 -18.12 -8.51
C VAL A 144 10.78 -17.77 -7.30
N GLY A 145 10.26 -18.05 -6.10
CA GLY A 145 11.01 -17.92 -4.86
C GLY A 145 11.51 -19.29 -4.43
N VAL A 146 12.69 -19.32 -3.81
CA VAL A 146 13.32 -20.57 -3.42
C VAL A 146 13.76 -20.48 -1.98
N ALA A 147 13.51 -21.54 -1.21
CA ALA A 147 13.93 -21.63 0.17
C ALA A 147 14.52 -23.01 0.44
N VAL A 148 15.52 -23.09 1.30
CA VAL A 148 16.12 -24.37 1.69
C VAL A 148 15.80 -24.62 3.16
N LEU A 149 15.24 -25.78 3.45
CA LEU A 149 14.90 -26.15 4.82
C LEU A 149 15.12 -27.65 4.97
N ASN A 150 15.83 -28.07 6.03
CA ASN A 150 16.04 -29.50 6.30
C ASN A 150 16.71 -30.19 5.11
N ARG A 151 17.64 -29.49 4.47
CA ARG A 151 18.36 -29.99 3.29
C ARG A 151 17.42 -30.39 2.16
N LEU A 152 16.24 -29.77 2.11
CA LEU A 152 15.29 -29.89 1.01
C LEU A 152 15.13 -28.52 0.37
N LEU A 153 14.83 -28.49 -0.93
CA LEU A 153 14.74 -27.22 -1.64
C LEU A 153 13.30 -27.00 -2.07
N TYR A 154 12.75 -25.83 -1.76
CA TYR A 154 11.35 -25.52 -2.03
C TYR A 154 11.29 -24.44 -3.11
N ALA A 155 10.47 -24.68 -4.13
CA ALA A 155 10.21 -23.71 -5.19
C ALA A 155 8.78 -23.21 -5.02
N VAL A 156 8.61 -21.90 -4.88
CA VAL A 156 7.35 -21.32 -4.41
C VAL A 156 6.83 -20.29 -5.41
N GLY A 157 5.61 -20.51 -5.91
CA GLY A 157 4.95 -19.50 -6.73
C GLY A 157 5.57 -19.37 -8.11
N GLY A 158 5.39 -18.19 -8.69
CA GLY A 158 5.90 -17.87 -10.00
C GLY A 158 4.82 -17.84 -11.07
N PHE A 159 5.26 -17.98 -12.33
CA PHE A 159 4.41 -17.86 -13.50
C PHE A 159 4.84 -18.92 -14.49
N ASP A 160 3.91 -19.75 -14.98
CA ASP A 160 4.29 -20.88 -15.81
C ASP A 160 4.23 -20.60 -17.31
N GLY A 161 3.99 -19.35 -17.71
CA GLY A 161 3.80 -18.99 -19.10
C GLY A 161 2.34 -18.68 -19.43
N THR A 162 1.41 -19.28 -18.71
CA THR A 162 -0.01 -18.98 -18.85
C THR A 162 -0.68 -18.67 -17.52
N ASN A 163 -0.35 -19.41 -16.47
CA ASN A 163 -0.96 -19.29 -15.16
C ASN A 163 0.02 -18.68 -14.18
N ARG A 164 -0.43 -17.72 -13.39
CA ARG A 164 0.32 -17.28 -12.22
C ARG A 164 -0.02 -18.19 -11.04
N LEU A 165 0.99 -18.53 -10.24
CA LEU A 165 0.96 -19.74 -9.42
C LEU A 165 0.83 -19.40 -7.94
N ASN A 166 -0.07 -20.12 -7.25
CA ASN A 166 0.03 -20.26 -5.80
C ASN A 166 0.68 -21.58 -5.41
N SER A 167 1.00 -22.43 -6.39
CA SER A 167 1.53 -23.75 -6.07
C SER A 167 2.98 -23.66 -5.60
N ALA A 168 3.42 -24.72 -4.92
CA ALA A 168 4.79 -24.85 -4.46
C ALA A 168 5.18 -26.32 -4.50
N GLU A 169 6.47 -26.58 -4.61
CA GLU A 169 6.95 -27.96 -4.69
C GLU A 169 8.30 -28.08 -4.00
N CYS A 170 8.65 -29.33 -3.68
CA CYS A 170 9.78 -29.66 -2.83
C CYS A 170 10.72 -30.61 -3.56
N TYR A 171 12.01 -30.28 -3.59
CA TYR A 171 13.03 -31.11 -4.21
C TYR A 171 13.80 -31.89 -3.16
N TYR A 172 13.96 -33.19 -3.38
CA TYR A 172 14.70 -34.11 -2.51
C TYR A 172 16.04 -34.42 -3.16
N PRO A 173 17.14 -33.78 -2.76
CA PRO A 173 18.41 -33.98 -3.47
C PRO A 173 18.91 -35.41 -3.45
N GLU A 174 18.70 -36.15 -2.36
CA GLU A 174 19.25 -37.50 -2.29
C GLU A 174 18.50 -38.42 -3.24
N ARG A 175 17.20 -38.23 -3.37
CA ARG A 175 16.38 -39.01 -4.29
C ARG A 175 16.34 -38.42 -5.70
N ASN A 176 16.70 -37.15 -5.85
CA ASN A 176 16.61 -36.41 -7.11
C ASN A 176 15.18 -36.46 -7.68
N GLU A 177 14.23 -35.99 -6.88
CA GLU A 177 12.83 -35.96 -7.31
C GLU A 177 12.11 -34.79 -6.65
N TRP A 178 10.99 -34.39 -7.26
CA TRP A 178 10.17 -33.28 -6.83
C TRP A 178 8.79 -33.78 -6.43
N ARG A 179 8.19 -33.11 -5.43
CA ARG A 179 6.82 -33.39 -5.02
C ARG A 179 6.08 -32.09 -4.77
N MET A 180 4.83 -31.99 -5.26
CA MET A 180 4.00 -30.83 -4.93
C MET A 180 3.72 -30.80 -3.43
N ILE A 181 3.68 -29.60 -2.85
CA ILE A 181 3.21 -29.43 -1.48
C ILE A 181 1.93 -28.61 -1.48
N THR A 182 1.41 -28.31 -0.30
CA THR A 182 0.21 -27.48 -0.20
C THR A 182 0.45 -26.13 -0.87
N PRO A 183 -0.46 -25.65 -1.70
CA PRO A 183 -0.30 -24.32 -2.31
C PRO A 183 -0.51 -23.20 -1.29
N MET A 184 0.08 -22.03 -1.59
CA MET A 184 -0.19 -20.90 -0.73
C MET A 184 -1.64 -20.44 -0.82
N ASN A 185 -2.00 -19.60 0.16
CA ASN A 185 -3.30 -18.93 0.18
C ASN A 185 -3.43 -17.95 -0.99
N THR A 186 -2.31 -17.44 -1.51
CA THR A 186 -2.30 -16.34 -2.46
C THR A 186 -1.44 -16.70 -3.67
N ILE A 187 -1.92 -16.36 -4.86
CA ILE A 187 -1.08 -16.41 -6.05
C ILE A 187 0.04 -15.39 -5.90
N ARG A 188 1.28 -15.82 -6.16
CA ARG A 188 2.41 -14.88 -6.04
C ARG A 188 3.48 -15.23 -7.07
N SER A 189 3.73 -14.31 -7.98
CA SER A 189 4.99 -14.29 -8.71
C SER A 189 5.82 -13.11 -8.21
N GLY A 190 7.14 -13.23 -8.31
CA GLY A 190 7.99 -12.12 -7.93
C GLY A 190 7.95 -11.83 -6.44
N ALA A 191 7.65 -12.83 -5.63
CA ALA A 191 7.65 -12.70 -4.18
C ALA A 191 9.08 -12.84 -3.64
N GLY A 192 9.27 -12.41 -2.39
CA GLY A 192 10.48 -12.75 -1.66
C GLY A 192 10.21 -13.98 -0.82
N VAL A 193 11.06 -14.99 -0.96
CA VAL A 193 10.86 -16.25 -0.26
C VAL A 193 12.12 -16.54 0.54
N CYS A 194 11.95 -16.89 1.81
CA CYS A 194 13.10 -17.19 2.65
C CYS A 194 12.68 -18.16 3.74
N VAL A 195 13.66 -18.54 4.57
CA VAL A 195 13.45 -19.45 5.69
C VAL A 195 13.83 -18.70 6.97
N LEU A 196 12.97 -18.79 7.97
CA LEU A 196 13.25 -18.20 9.27
C LEU A 196 12.63 -19.08 10.33
N HIS A 197 13.44 -19.51 11.30
CA HIS A 197 13.00 -20.32 12.43
C HIS A 197 12.13 -21.49 11.99
N ASN A 198 12.63 -22.23 10.99
CA ASN A 198 12.06 -23.49 10.53
C ASN A 198 10.77 -23.32 9.72
N CYS A 199 10.41 -22.11 9.32
CA CYS A 199 9.25 -21.86 8.46
C CYS A 199 9.68 -21.21 7.16
N ILE A 200 8.93 -21.46 6.10
CA ILE A 200 9.15 -20.83 4.79
C ILE A 200 8.25 -19.61 4.70
N TYR A 201 8.80 -18.44 4.44
CA TYR A 201 8.03 -17.22 4.30
C TYR A 201 7.93 -16.83 2.83
N ALA A 202 6.74 -16.39 2.40
CA ALA A 202 6.53 -15.77 1.09
C ALA A 202 5.97 -14.37 1.34
N ALA A 203 6.74 -13.36 0.98
CA ALA A 203 6.39 -11.97 1.24
C ALA A 203 6.18 -11.24 -0.07
N GLY A 204 5.05 -10.55 -0.20
CA GLY A 204 4.86 -9.72 -1.37
C GLY A 204 4.65 -10.52 -2.64
N GLY A 205 5.02 -9.90 -3.76
CA GLY A 205 4.80 -10.47 -5.07
C GLY A 205 3.62 -9.84 -5.77
N TYR A 206 3.15 -10.54 -6.81
CA TYR A 206 2.12 -10.05 -7.70
C TYR A 206 1.12 -11.18 -7.88
N ASP A 207 -0.18 -10.88 -7.66
CA ASP A 207 -1.19 -11.95 -7.66
C ASP A 207 -1.99 -12.02 -8.95
N GLY A 208 -1.59 -11.29 -9.98
CA GLY A 208 -2.34 -11.17 -11.21
C GLY A 208 -3.18 -9.92 -11.31
N GLN A 209 -3.45 -9.26 -10.17
CA GLN A 209 -4.23 -8.03 -10.11
C GLN A 209 -3.42 -6.87 -9.54
N ASP A 210 -2.62 -7.12 -8.51
CA ASP A 210 -1.95 -6.06 -7.78
C ASP A 210 -0.68 -6.60 -7.14
N GLN A 211 0.28 -5.71 -6.95
CA GLN A 211 1.38 -6.01 -6.05
C GLN A 211 0.84 -6.22 -4.64
N LEU A 212 1.54 -7.03 -3.85
CA LEU A 212 1.04 -7.51 -2.57
C LEU A 212 1.87 -6.95 -1.43
N ASN A 213 1.22 -6.61 -0.31
CA ASN A 213 1.93 -6.45 0.95
C ASN A 213 1.74 -7.63 1.89
N SER A 214 0.89 -8.59 1.56
CA SER A 214 0.65 -9.70 2.47
C SER A 214 1.89 -10.63 2.53
N VAL A 215 1.99 -11.34 3.65
CA VAL A 215 3.09 -12.26 3.93
C VAL A 215 2.49 -13.52 4.52
N GLU A 216 2.90 -14.69 4.03
CA GLU A 216 2.42 -15.94 4.62
C GLU A 216 3.59 -16.87 4.82
N ARG A 217 3.42 -17.82 5.74
CA ARG A 217 4.51 -18.73 6.04
C ARG A 217 4.00 -20.15 6.13
N TYR A 218 4.86 -21.08 5.71
CA TYR A 218 4.56 -22.49 5.61
C TYR A 218 5.25 -23.24 6.73
N ASP A 219 4.48 -24.02 7.49
CA ASP A 219 5.00 -24.90 8.50
C ASP A 219 5.06 -26.30 7.88
N VAL A 220 6.27 -26.85 7.72
CA VAL A 220 6.41 -28.09 6.98
C VAL A 220 5.77 -29.27 7.70
N GLU A 221 5.63 -29.21 9.02
CA GLU A 221 5.01 -30.35 9.69
C GLU A 221 3.49 -30.26 9.70
N THR A 222 2.90 -29.07 9.89
CA THR A 222 1.45 -28.98 9.78
C THR A 222 0.97 -28.89 8.34
N GLU A 223 1.88 -28.67 7.38
CA GLU A 223 1.54 -28.56 5.96
C GLU A 223 0.55 -27.43 5.71
N THR A 224 0.65 -26.37 6.48
CA THR A 224 -0.31 -25.28 6.42
C THR A 224 0.41 -23.95 6.16
N TRP A 225 -0.20 -23.11 5.32
CA TRP A 225 0.23 -21.74 5.12
C TRP A 225 -0.64 -20.82 5.98
N THR A 226 0.01 -19.89 6.69
CA THR A 226 -0.67 -18.96 7.58
C THR A 226 -0.19 -17.55 7.32
N PHE A 227 -1.13 -16.61 7.19
CA PHE A 227 -0.75 -15.20 7.06
C PHE A 227 -0.14 -14.67 8.34
N VAL A 228 0.87 -13.82 8.20
CA VAL A 228 1.41 -13.07 9.33
C VAL A 228 1.16 -11.59 9.05
N ALA A 229 1.81 -10.72 9.82
CA ALA A 229 1.65 -9.28 9.62
C ALA A 229 2.09 -8.89 8.21
N PRO A 230 1.31 -8.08 7.49
CA PRO A 230 1.74 -7.62 6.15
C PRO A 230 2.86 -6.60 6.26
N MET A 231 3.64 -6.47 5.17
CA MET A 231 4.64 -5.42 5.22
C MET A 231 4.00 -4.05 5.06
N ARG A 232 4.79 -3.02 5.35
CA ARG A 232 4.29 -1.65 5.25
C ARG A 232 4.06 -1.23 3.81
N HIS A 233 4.81 -1.78 2.87
CA HIS A 233 4.67 -1.43 1.46
C HIS A 233 4.31 -2.65 0.63
N HIS A 234 3.46 -2.45 -0.39
CA HIS A 234 3.29 -3.47 -1.40
C HIS A 234 4.55 -3.55 -2.24
N ARG A 235 4.99 -4.78 -2.55
CA ARG A 235 6.25 -4.96 -3.27
C ARG A 235 6.18 -6.18 -4.17
N SER A 236 6.56 -6.03 -5.45
CA SER A 236 6.90 -7.18 -6.28
C SER A 236 8.34 -7.06 -6.74
N ALA A 237 8.95 -8.20 -7.06
CA ALA A 237 10.35 -8.25 -7.46
C ALA A 237 11.24 -7.62 -6.40
N LEU A 238 10.94 -7.95 -5.14
CA LEU A 238 11.69 -7.48 -3.99
C LEU A 238 12.88 -8.40 -3.72
N GLY A 239 13.91 -7.83 -3.10
CA GLY A 239 14.97 -8.64 -2.51
C GLY A 239 14.61 -9.05 -1.09
N ILE A 240 15.16 -10.18 -0.65
CA ILE A 240 14.83 -10.70 0.68
C ILE A 240 16.02 -11.49 1.22
N THR A 241 16.23 -11.41 2.52
CA THR A 241 17.23 -12.23 3.18
C THR A 241 16.90 -12.26 4.67
N VAL A 242 17.66 -13.06 5.40
CA VAL A 242 17.51 -13.19 6.85
C VAL A 242 18.84 -12.82 7.48
N HIS A 243 18.77 -12.02 8.54
CA HIS A 243 19.97 -11.55 9.22
C HIS A 243 19.64 -11.50 10.70
N GLN A 244 20.32 -12.32 11.50
CA GLN A 244 20.19 -12.30 12.96
C GLN A 244 18.74 -12.56 13.38
N GLY A 245 18.12 -13.57 12.78
CA GLY A 245 16.78 -13.94 13.18
C GLY A 245 15.67 -13.02 12.73
N LYS A 246 15.93 -12.13 11.77
CA LYS A 246 14.91 -11.23 11.23
C LYS A 246 14.95 -11.25 9.71
N ILE A 247 13.78 -11.10 9.09
CA ILE A 247 13.70 -11.00 7.64
C ILE A 247 13.94 -9.55 7.25
N TYR A 248 14.74 -9.34 6.21
CA TYR A 248 14.90 -8.02 5.60
C TYR A 248 14.37 -8.08 4.17
N VAL A 249 13.52 -7.14 3.80
CA VAL A 249 13.04 -7.01 2.42
C VAL A 249 13.56 -5.70 1.84
N LEU A 250 14.01 -5.75 0.59
CA LEU A 250 14.70 -4.61 -0.02
C LEU A 250 14.04 -4.25 -1.33
N GLY A 251 13.59 -3.00 -1.44
CA GLY A 251 13.15 -2.48 -2.74
C GLY A 251 11.92 -3.16 -3.30
N GLY A 252 11.89 -3.26 -4.62
CA GLY A 252 10.74 -3.79 -5.33
C GLY A 252 9.90 -2.68 -5.94
N TYR A 253 8.94 -3.10 -6.76
CA TYR A 253 8.00 -2.21 -7.43
C TYR A 253 6.67 -2.26 -6.69
N ASP A 254 6.11 -1.10 -6.36
CA ASP A 254 4.87 -1.09 -5.59
C ASP A 254 3.63 -0.86 -6.45
N GLY A 255 3.76 -0.90 -7.78
CA GLY A 255 2.68 -0.54 -8.68
C GLY A 255 2.79 0.85 -9.26
N HIS A 256 3.65 1.69 -8.67
CA HIS A 256 3.82 3.06 -9.12
C HIS A 256 5.29 3.47 -9.06
N THR A 257 5.99 3.02 -8.01
CA THR A 257 7.31 3.52 -7.65
C THR A 257 8.27 2.33 -7.50
N PHE A 258 9.51 2.51 -7.93
CA PHE A 258 10.57 1.59 -7.57
C PHE A 258 11.07 2.00 -6.19
N LEU A 259 10.81 1.16 -5.19
CA LEU A 259 11.02 1.54 -3.80
C LEU A 259 12.49 1.51 -3.42
N ASP A 260 12.88 2.44 -2.54
CA ASP A 260 14.16 2.35 -1.87
C ASP A 260 14.02 1.85 -0.44
N SER A 261 12.80 1.55 0.01
CA SER A 261 12.58 1.19 1.40
C SER A 261 13.15 -0.19 1.70
N VAL A 262 13.68 -0.33 2.92
CA VAL A 262 14.09 -1.62 3.46
C VAL A 262 13.35 -1.80 4.78
N GLU A 263 12.54 -2.85 4.87
CA GLU A 263 11.88 -3.21 6.12
C GLU A 263 12.38 -4.52 6.70
N CYS A 264 12.12 -4.67 8.00
CA CYS A 264 12.65 -5.75 8.81
C CYS A 264 11.49 -6.38 9.59
N TYR A 265 11.38 -7.71 9.53
CA TYR A 265 10.32 -8.45 10.22
C TYR A 265 10.88 -9.10 11.47
N ASP A 266 10.25 -8.84 12.62
CA ASP A 266 10.60 -9.46 13.88
C ASP A 266 9.60 -10.57 14.18
N PRO A 267 9.97 -11.85 14.08
CA PRO A 267 8.98 -12.91 14.28
C PRO A 267 8.44 -12.98 15.69
N ASP A 268 9.24 -12.57 16.69
CA ASP A 268 8.79 -12.63 18.08
C ASP A 268 7.62 -11.69 18.31
N SER A 269 7.66 -10.48 17.76
CA SER A 269 6.58 -9.52 17.92
C SER A 269 5.62 -9.48 16.73
N ASP A 270 5.92 -10.23 15.66
CA ASP A 270 5.08 -10.23 14.45
C ASP A 270 4.86 -8.80 13.96
N THR A 271 5.95 -8.05 13.83
CA THR A 271 5.86 -6.68 13.35
C THR A 271 6.94 -6.40 12.31
N TRP A 272 6.62 -5.50 11.38
CA TRP A 272 7.57 -4.97 10.41
C TRP A 272 7.95 -3.55 10.82
N SER A 273 9.22 -3.19 10.62
CA SER A 273 9.63 -1.82 10.81
C SER A 273 10.57 -1.40 9.69
N GLU A 274 10.59 -0.11 9.40
CA GLU A 274 11.51 0.44 8.41
C GLU A 274 12.88 0.55 9.08
N VAL A 275 13.93 0.09 8.41
CA VAL A 275 15.24 0.16 9.06
C VAL A 275 16.23 1.08 8.33
N THR A 276 16.07 1.22 7.03
CA THR A 276 16.98 2.03 6.23
C THR A 276 16.35 2.24 4.87
N ARG A 277 17.04 2.99 4.03
CA ARG A 277 16.68 3.11 2.62
C ARG A 277 17.90 2.78 1.79
N MET A 278 17.69 2.09 0.67
CA MET A 278 18.79 1.94 -0.27
C MET A 278 19.15 3.31 -0.86
N THR A 279 20.35 3.38 -1.43
CA THR A 279 20.83 4.65 -1.96
C THR A 279 20.01 5.10 -3.16
N SER A 280 19.25 4.20 -3.77
CA SER A 280 18.32 4.57 -4.84
C SER A 280 17.29 3.45 -4.98
N GLY A 281 16.09 3.82 -5.42
CA GLY A 281 15.03 2.83 -5.56
C GLY A 281 15.28 1.89 -6.73
N ARG A 282 14.90 0.62 -6.55
CA ARG A 282 15.18 -0.41 -7.54
C ARG A 282 14.36 -1.65 -7.25
N SER A 283 14.14 -2.48 -8.27
CA SER A 283 13.54 -3.80 -8.11
C SER A 283 14.46 -4.85 -8.71
N GLY A 284 14.08 -6.11 -8.56
CA GLY A 284 14.76 -7.19 -9.25
C GLY A 284 16.20 -7.41 -8.82
N VAL A 285 16.51 -7.15 -7.54
CA VAL A 285 17.88 -7.32 -7.04
C VAL A 285 18.11 -8.76 -6.62
N GLY A 286 19.39 -9.13 -6.50
CA GLY A 286 19.80 -10.35 -5.81
C GLY A 286 20.41 -9.96 -4.47
N VAL A 287 20.08 -10.73 -3.44
CA VAL A 287 20.45 -10.38 -2.06
C VAL A 287 21.03 -11.61 -1.38
N ALA A 288 22.06 -11.40 -0.55
CA ALA A 288 22.57 -12.50 0.27
C ALA A 288 23.38 -11.90 1.41
N VAL A 289 23.72 -12.75 2.39
CA VAL A 289 24.37 -12.30 3.62
C VAL A 289 25.69 -13.05 3.81
N THR A 290 26.77 -12.30 4.03
CA THR A 290 28.03 -12.88 4.47
C THR A 290 28.89 -11.82 5.16
N GLY B 6 -3.75 5.71 21.36
CA GLY B 6 -4.84 4.76 21.39
C GLY B 6 -6.12 5.32 20.79
N ARG B 7 -5.96 6.28 19.88
CA ARG B 7 -7.10 6.85 19.19
C ARG B 7 -7.59 5.89 18.10
N LEU B 8 -8.89 5.93 17.83
CA LEU B 8 -9.52 5.06 16.84
C LEU B 8 -10.02 5.86 15.65
N ILE B 9 -10.12 5.18 14.51
CA ILE B 9 -10.76 5.74 13.33
C ILE B 9 -12.23 5.30 13.35
N TYR B 10 -13.13 6.26 13.53
CA TYR B 10 -14.57 5.99 13.55
C TYR B 10 -15.14 6.22 12.16
N THR B 11 -15.98 5.29 11.71
CA THR B 11 -16.73 5.49 10.47
C THR B 11 -18.22 5.34 10.77
N ALA B 12 -18.99 6.34 10.38
CA ALA B 12 -20.41 6.39 10.67
C ALA B 12 -21.21 6.46 9.39
N GLY B 13 -22.30 5.69 9.34
CA GLY B 13 -23.22 5.77 8.22
C GLY B 13 -22.63 5.18 6.96
N GLY B 14 -23.08 5.71 5.83
CA GLY B 14 -22.66 5.22 4.53
C GLY B 14 -23.85 4.68 3.76
N TYR B 15 -23.56 4.10 2.61
CA TYR B 15 -24.58 3.62 1.70
C TYR B 15 -24.17 2.30 1.08
N PHE B 16 -25.08 1.33 1.10
CA PHE B 16 -24.97 0.15 0.25
C PHE B 16 -26.39 -0.34 0.05
N ARG B 17 -26.94 -0.10 -1.15
CA ARG B 17 -28.33 -0.37 -1.51
C ARG B 17 -29.29 0.61 -0.82
N GLN B 18 -29.00 0.98 0.42
CA GLN B 18 -29.71 2.05 1.09
C GLN B 18 -28.76 2.68 2.09
N SER B 19 -29.16 3.83 2.63
CA SER B 19 -28.34 4.48 3.66
C SER B 19 -28.26 3.60 4.88
N LEU B 20 -27.12 3.67 5.58
CA LEU B 20 -26.75 2.73 6.63
C LEU B 20 -26.71 3.40 8.00
N SER B 21 -26.74 2.57 9.04
CA SER B 21 -26.76 3.03 10.41
C SER B 21 -25.50 2.65 11.18
N TYR B 22 -24.51 2.08 10.50
CA TYR B 22 -23.29 1.62 11.16
C TYR B 22 -22.58 2.74 11.90
N LEU B 23 -22.08 2.40 13.09
CA LEU B 23 -20.92 3.08 13.67
C LEU B 23 -19.90 1.98 13.99
N GLU B 24 -18.76 2.02 13.33
CA GLU B 24 -17.67 1.09 13.59
C GLU B 24 -16.37 1.86 13.75
N ALA B 25 -15.44 1.28 14.50
CA ALA B 25 -14.18 1.95 14.79
C ALA B 25 -13.03 1.01 14.50
N TYR B 26 -11.99 1.51 13.86
CA TYR B 26 -10.81 0.73 13.54
C TYR B 26 -9.65 1.18 14.43
N ASN B 27 -8.97 0.21 15.04
CA ASN B 27 -7.80 0.50 15.86
C ASN B 27 -6.56 0.15 15.04
N PRO B 28 -5.86 1.14 14.46
CA PRO B 28 -4.67 0.82 13.66
C PRO B 28 -3.58 0.12 14.45
N SER B 29 -3.54 0.31 15.76
CA SER B 29 -2.47 -0.27 16.57
C SER B 29 -2.53 -1.79 16.58
N ASN B 30 -3.73 -2.36 16.59
CA ASN B 30 -3.85 -3.81 16.68
C ASN B 30 -4.72 -4.43 15.60
N GLY B 31 -5.22 -3.66 14.64
CA GLY B 31 -6.03 -4.22 13.57
C GLY B 31 -7.46 -4.55 13.93
N SER B 32 -7.91 -4.22 15.14
CA SER B 32 -9.24 -4.61 15.58
C SER B 32 -10.30 -3.65 15.05
N TRP B 33 -11.43 -4.21 14.64
CA TRP B 33 -12.64 -3.46 14.33
C TRP B 33 -13.64 -3.60 15.47
N LEU B 34 -14.23 -2.48 15.86
CA LEU B 34 -15.22 -2.43 16.92
C LEU B 34 -16.60 -2.13 16.32
N ARG B 35 -17.62 -2.88 16.74
CA ARG B 35 -19.00 -2.60 16.35
C ARG B 35 -19.64 -1.81 17.47
N LEU B 36 -19.92 -0.53 17.22
CA LEU B 36 -20.45 0.36 18.23
C LEU B 36 -21.92 0.66 17.95
N ALA B 37 -22.52 1.53 18.75
CA ALA B 37 -23.95 1.77 18.69
C ALA B 37 -24.38 2.32 17.33
N ASP B 38 -25.45 1.77 16.77
CA ASP B 38 -26.00 2.26 15.52
C ASP B 38 -26.44 3.72 15.64
N LEU B 39 -26.33 4.46 14.53
CA LEU B 39 -27.00 5.74 14.41
C LEU B 39 -28.50 5.59 14.62
N GLN B 40 -29.13 6.63 15.18
CA GLN B 40 -30.58 6.60 15.39
C GLN B 40 -31.35 6.63 14.07
N VAL B 41 -30.80 7.29 13.05
CA VAL B 41 -31.43 7.36 11.74
C VAL B 41 -30.36 7.01 10.71
N PRO B 42 -30.66 6.19 9.70
CA PRO B 42 -29.64 5.91 8.66
C PRO B 42 -29.24 7.17 7.93
N ARG B 43 -27.97 7.22 7.52
CA ARG B 43 -27.40 8.43 6.95
C ARG B 43 -26.28 8.07 5.99
N SER B 44 -26.35 8.61 4.77
CA SER B 44 -25.22 8.61 3.85
C SER B 44 -24.96 10.05 3.42
N GLY B 45 -23.77 10.31 2.87
CA GLY B 45 -23.47 11.65 2.44
C GLY B 45 -23.27 12.62 3.57
N LEU B 46 -23.07 12.11 4.77
CA LEU B 46 -22.81 12.89 5.97
C LEU B 46 -21.31 13.13 6.12
N ALA B 47 -20.96 13.97 7.10
CA ALA B 47 -19.58 14.15 7.50
C ALA B 47 -19.44 13.87 8.99
N GLY B 48 -18.25 13.48 9.40
CA GLY B 48 -17.94 13.26 10.80
C GLY B 48 -16.83 14.18 11.27
N CYS B 49 -16.86 14.51 12.56
CA CYS B 49 -15.78 15.29 13.14
C CYS B 49 -15.81 15.05 14.64
N VAL B 50 -14.74 15.48 15.30
CA VAL B 50 -14.58 15.28 16.74
C VAL B 50 -14.28 16.62 17.38
N VAL B 51 -14.97 16.92 18.48
CA VAL B 51 -14.68 18.08 19.32
C VAL B 51 -14.75 17.64 20.77
N GLY B 52 -13.70 17.92 21.52
CA GLY B 52 -13.72 17.62 22.95
C GLY B 52 -14.02 16.18 23.27
N GLY B 53 -13.48 15.25 22.48
CA GLY B 53 -13.65 13.84 22.71
C GLY B 53 -14.99 13.26 22.30
N LEU B 54 -15.90 14.07 21.77
CA LEU B 54 -17.19 13.60 21.26
C LEU B 54 -17.13 13.52 19.75
N LEU B 55 -17.79 12.51 19.20
CA LEU B 55 -17.92 12.33 17.75
C LEU B 55 -19.24 12.92 17.28
N TYR B 56 -19.19 13.72 16.21
CA TYR B 56 -20.38 14.33 15.64
C TYR B 56 -20.64 13.78 14.25
N ALA B 57 -21.91 13.48 13.97
CA ALA B 57 -22.37 13.11 12.63
C ALA B 57 -23.24 14.24 12.12
N VAL B 58 -22.87 14.81 10.97
CA VAL B 58 -23.45 16.06 10.49
C VAL B 58 -24.09 15.85 9.13
N GLY B 59 -25.36 16.24 9.01
CA GLY B 59 -25.97 16.28 7.68
C GLY B 59 -26.13 14.91 7.04
N GLY B 60 -26.17 14.92 5.71
CA GLY B 60 -26.37 13.69 4.98
C GLY B 60 -27.79 13.50 4.48
N ARG B 61 -28.20 12.24 4.31
CA ARG B 61 -29.50 11.89 3.74
C ARG B 61 -29.79 10.44 4.06
N ASN B 62 -31.08 10.13 4.19
CA ASN B 62 -31.53 8.74 4.31
C ASN B 62 -32.10 8.33 2.94
N ASN B 63 -31.29 7.62 2.15
CA ASN B 63 -31.75 6.93 0.94
C ASN B 63 -32.34 5.59 1.33
N SER B 64 -33.66 5.51 1.34
CA SER B 64 -34.30 4.26 1.78
C SER B 64 -35.18 3.72 0.66
N PRO B 65 -35.65 2.47 0.76
CA PRO B 65 -36.64 2.01 -0.23
C PRO B 65 -37.94 2.80 -0.17
N ASP B 66 -38.27 3.37 0.99
CA ASP B 66 -39.51 4.12 1.14
C ASP B 66 -39.41 5.56 0.65
N GLY B 67 -38.21 6.10 0.53
CA GLY B 67 -38.06 7.48 0.11
C GLY B 67 -36.66 7.99 0.38
N ASN B 68 -36.49 9.29 0.16
CA ASN B 68 -35.19 9.96 0.21
C ASN B 68 -35.38 11.25 0.99
N THR B 69 -34.71 11.39 2.12
CA THR B 69 -34.90 12.56 2.98
C THR B 69 -33.55 13.13 3.38
N ASP B 70 -33.26 14.35 2.94
CA ASP B 70 -32.04 15.05 3.35
C ASP B 70 -32.13 15.43 4.82
N SER B 71 -30.96 15.45 5.47
CA SER B 71 -30.89 15.59 6.92
C SER B 71 -30.25 16.92 7.30
N SER B 72 -30.88 17.62 8.25
CA SER B 72 -30.25 18.76 8.91
C SER B 72 -29.68 18.36 10.27
N ALA B 73 -29.61 17.07 10.56
CA ALA B 73 -29.32 16.61 11.91
C ALA B 73 -27.86 16.80 12.27
N LEU B 74 -27.64 17.08 13.55
CA LEU B 74 -26.34 16.96 14.21
C LEU B 74 -26.55 16.02 15.37
N ASP B 75 -25.82 14.90 15.37
CA ASP B 75 -25.94 13.90 16.41
C ASP B 75 -24.56 13.71 17.05
N CYS B 76 -24.57 13.56 18.37
CA CYS B 76 -23.38 13.53 19.21
C CYS B 76 -23.21 12.12 19.77
N TYR B 77 -22.05 11.51 19.54
CA TYR B 77 -21.73 10.19 20.08
C TYR B 77 -20.66 10.33 21.15
N ASN B 78 -20.96 9.78 22.34
CA ASN B 78 -20.00 9.76 23.45
C ASN B 78 -19.34 8.39 23.50
N PRO B 79 -18.04 8.28 23.22
CA PRO B 79 -17.41 6.95 23.27
C PRO B 79 -17.44 6.34 24.66
N MET B 80 -17.53 7.14 25.72
CA MET B 80 -17.50 6.55 27.05
C MET B 80 -18.81 5.89 27.43
N THR B 81 -19.92 6.26 26.79
CA THR B 81 -21.21 5.66 27.06
C THR B 81 -21.74 4.85 25.90
N ASN B 82 -21.05 4.87 24.76
CA ASN B 82 -21.49 4.18 23.55
C ASN B 82 -22.91 4.58 23.17
N GLN B 83 -23.22 5.88 23.31
CA GLN B 83 -24.57 6.38 23.11
C GLN B 83 -24.60 7.59 22.17
N TRP B 84 -25.52 7.56 21.20
CA TRP B 84 -25.84 8.72 20.37
C TRP B 84 -26.92 9.57 21.02
N SER B 85 -26.73 10.89 20.98
CA SER B 85 -27.73 11.86 21.44
C SER B 85 -27.97 12.92 20.38
N PRO B 86 -29.22 13.36 20.20
CA PRO B 86 -29.48 14.45 19.26
C PRO B 86 -28.92 15.75 19.80
N CYS B 87 -28.29 16.51 18.91
CA CYS B 87 -27.86 17.87 19.19
C CYS B 87 -28.68 18.81 18.31
N ALA B 88 -28.41 20.12 18.44
CA ALA B 88 -29.21 21.09 17.69
C ALA B 88 -29.09 20.85 16.19
N SER B 89 -30.23 20.88 15.50
CA SER B 89 -30.20 20.71 14.06
C SER B 89 -29.71 21.98 13.38
N MET B 90 -29.16 21.79 12.19
CA MET B 90 -28.68 22.87 11.33
C MET B 90 -29.88 23.69 10.83
N SER B 91 -29.58 24.86 10.27
CA SER B 91 -30.62 25.72 9.70
C SER B 91 -31.31 25.09 8.50
N VAL B 92 -30.64 24.17 7.80
CA VAL B 92 -31.14 23.59 6.54
C VAL B 92 -30.55 22.20 6.39
N PRO B 93 -31.23 21.25 5.73
CA PRO B 93 -30.58 19.97 5.42
C PRO B 93 -29.42 20.16 4.47
N ARG B 94 -28.39 19.33 4.65
CA ARG B 94 -27.16 19.40 3.84
C ARG B 94 -26.69 17.99 3.54
N ASN B 95 -27.11 17.44 2.39
CA ASN B 95 -26.57 16.18 1.90
C ASN B 95 -25.27 16.44 1.15
N ARG B 96 -24.35 15.46 1.19
CA ARG B 96 -23.01 15.60 0.61
C ARG B 96 -22.32 16.86 1.12
N ILE B 97 -22.35 16.98 2.45
CA ILE B 97 -21.80 18.10 3.18
C ILE B 97 -20.28 17.96 3.35
N GLY B 98 -19.61 19.08 3.57
CA GLY B 98 -18.25 19.06 4.09
C GLY B 98 -18.21 19.76 5.43
N VAL B 99 -17.33 19.29 6.32
CA VAL B 99 -17.21 19.92 7.65
C VAL B 99 -15.74 20.07 8.04
N GLY B 100 -15.48 21.13 8.80
CA GLY B 100 -14.19 21.31 9.43
C GLY B 100 -14.39 21.89 10.82
N VAL B 101 -13.34 21.75 11.63
CA VAL B 101 -13.38 22.22 13.01
C VAL B 101 -12.27 23.24 13.20
N ILE B 102 -12.64 24.43 13.72
CA ILE B 102 -11.66 25.45 14.09
C ILE B 102 -11.97 25.92 15.49
N ASP B 103 -11.00 25.81 16.39
CA ASP B 103 -11.11 26.38 17.73
C ASP B 103 -12.35 25.85 18.45
N GLY B 104 -12.66 24.57 18.28
CA GLY B 104 -13.76 23.99 19.00
C GLY B 104 -15.13 24.19 18.41
N HIS B 105 -15.18 24.79 17.24
CA HIS B 105 -16.43 24.99 16.56
C HIS B 105 -16.51 24.19 15.27
N ILE B 106 -17.70 23.69 14.97
CA ILE B 106 -17.90 22.92 13.76
C ILE B 106 -18.47 23.78 12.65
N TYR B 107 -17.80 23.78 11.50
CA TYR B 107 -18.29 24.50 10.34
C TYR B 107 -18.94 23.49 9.39
N ALA B 108 -20.21 23.71 9.07
CA ALA B 108 -20.94 22.91 8.09
C ALA B 108 -20.97 23.69 6.79
N VAL B 109 -20.49 23.07 5.72
CA VAL B 109 -20.14 23.74 4.48
C VAL B 109 -20.93 23.13 3.32
N GLY B 110 -21.72 23.95 2.63
CA GLY B 110 -22.29 23.51 1.37
C GLY B 110 -23.29 22.38 1.56
N GLY B 111 -23.29 21.46 0.60
CA GLY B 111 -24.25 20.38 0.59
C GLY B 111 -25.54 20.78 -0.12
N SER B 112 -26.50 19.84 -0.15
CA SER B 112 -27.73 20.04 -0.91
C SER B 112 -28.96 19.76 -0.06
N HIS B 113 -30.05 20.46 -0.40
CA HIS B 113 -31.38 20.20 0.15
C HIS B 113 -32.31 20.07 -1.04
N GLY B 114 -32.73 18.86 -1.35
CA GLY B 114 -33.44 18.66 -2.61
C GLY B 114 -32.50 19.01 -3.74
N CYS B 115 -32.93 19.93 -4.61
CA CYS B 115 -32.11 20.41 -5.72
C CYS B 115 -31.43 21.74 -5.43
N ILE B 116 -31.57 22.26 -4.21
CA ILE B 116 -30.85 23.45 -3.79
C ILE B 116 -29.41 23.06 -3.47
N HIS B 117 -28.45 23.63 -4.19
CA HIS B 117 -27.04 23.43 -3.92
C HIS B 117 -26.57 24.63 -3.10
N HIS B 118 -26.21 24.40 -1.83
CA HIS B 118 -25.91 25.50 -0.94
C HIS B 118 -24.55 26.10 -1.22
N SER B 119 -24.46 27.44 -1.15
CA SER B 119 -23.20 28.10 -0.85
C SER B 119 -23.08 28.47 0.62
N SER B 120 -24.16 28.34 1.39
CA SER B 120 -24.16 28.80 2.77
C SER B 120 -23.28 27.93 3.66
N VAL B 121 -22.86 28.53 4.76
CA VAL B 121 -21.96 27.90 5.73
C VAL B 121 -22.48 28.30 7.10
N GLU B 122 -22.51 27.35 8.03
CA GLU B 122 -22.96 27.69 9.38
C GLU B 122 -22.04 27.03 10.40
N ARG B 123 -22.02 27.61 11.59
CA ARG B 123 -21.02 27.30 12.60
C ARG B 123 -21.71 26.87 13.88
N TYR B 124 -21.27 25.73 14.44
CA TYR B 124 -21.86 25.17 15.64
C TYR B 124 -20.95 25.40 16.83
N GLU B 125 -21.52 25.87 17.93
CA GLU B 125 -20.80 26.08 19.17
C GLU B 125 -21.26 25.03 20.17
N PRO B 126 -20.44 24.02 20.49
CA PRO B 126 -20.89 22.96 21.41
C PRO B 126 -21.34 23.47 22.77
N GLU B 127 -20.67 24.50 23.32
CA GLU B 127 -21.02 24.96 24.65
C GLU B 127 -22.42 25.57 24.70
N ARG B 128 -22.90 26.11 23.58
CA ARG B 128 -24.24 26.68 23.51
C ARG B 128 -25.23 25.77 22.80
N ASP B 129 -24.77 24.70 22.13
CA ASP B 129 -25.62 23.85 21.31
C ASP B 129 -26.44 24.69 20.33
N GLU B 130 -25.74 25.58 19.61
CA GLU B 130 -26.37 26.54 18.71
C GLU B 130 -25.62 26.61 17.40
N TRP B 131 -26.36 26.74 16.30
CA TRP B 131 -25.79 27.02 14.98
C TRP B 131 -26.03 28.48 14.59
N HIS B 132 -25.04 29.10 13.93
CA HIS B 132 -25.22 30.43 13.35
C HIS B 132 -24.59 30.47 11.97
N LEU B 133 -25.28 31.11 11.02
CA LEU B 133 -24.71 31.28 9.68
C LEU B 133 -23.49 32.20 9.73
N VAL B 134 -22.52 31.91 8.87
CA VAL B 134 -21.40 32.82 8.68
C VAL B 134 -21.43 33.23 7.21
N ALA B 135 -20.36 33.84 6.73
CA ALA B 135 -20.35 34.28 5.34
C ALA B 135 -20.45 33.08 4.41
N PRO B 136 -21.26 33.15 3.36
CA PRO B 136 -21.34 32.03 2.43
C PRO B 136 -20.10 31.96 1.55
N MET B 137 -19.91 30.77 0.99
CA MET B 137 -18.85 30.52 0.02
C MET B 137 -19.09 31.36 -1.23
N LEU B 138 -18.02 31.58 -1.99
CA LEU B 138 -18.15 32.24 -3.29
C LEU B 138 -18.81 31.33 -4.34
N THR B 139 -18.93 30.04 -4.05
CA THR B 139 -19.43 29.05 -4.99
C THR B 139 -20.40 28.12 -4.27
N ARG B 140 -21.48 27.73 -4.94
CA ARG B 140 -22.28 26.62 -4.44
C ARG B 140 -21.49 25.32 -4.57
N ARG B 141 -21.42 24.52 -3.50
CA ARG B 141 -20.64 23.28 -3.54
C ARG B 141 -21.36 22.17 -2.78
N ILE B 142 -21.68 21.08 -3.48
CA ILE B 142 -22.06 19.82 -2.85
C ILE B 142 -21.01 18.78 -3.23
N GLY B 143 -20.94 17.72 -2.43
CA GLY B 143 -19.83 16.80 -2.65
C GLY B 143 -18.50 17.48 -2.46
N VAL B 144 -18.42 18.39 -1.49
CA VAL B 144 -17.28 19.26 -1.27
C VAL B 144 -16.38 18.65 -0.20
N GLY B 145 -15.08 18.76 -0.37
CA GLY B 145 -14.12 18.38 0.65
C GLY B 145 -13.65 19.60 1.42
N VAL B 146 -13.39 19.41 2.71
CA VAL B 146 -13.05 20.51 3.61
C VAL B 146 -11.80 20.12 4.40
N ALA B 147 -10.88 21.07 4.56
CA ALA B 147 -9.67 20.88 5.33
C ALA B 147 -9.41 22.12 6.15
N VAL B 148 -8.82 21.96 7.34
CA VAL B 148 -8.45 23.08 8.19
C VAL B 148 -6.94 23.12 8.30
N LEU B 149 -6.36 24.27 8.02
CA LEU B 149 -4.90 24.43 8.05
C LEU B 149 -4.63 25.86 8.50
N ASN B 150 -3.77 26.04 9.51
CA ASN B 150 -3.40 27.37 9.98
C ASN B 150 -4.63 28.17 10.40
N ARG B 151 -5.60 27.48 11.01
CA ARG B 151 -6.84 28.08 11.49
C ARG B 151 -7.63 28.76 10.39
N LEU B 152 -7.45 28.30 9.15
CA LEU B 152 -8.26 28.70 8.02
C LEU B 152 -8.97 27.46 7.50
N LEU B 153 -10.13 27.66 6.88
CA LEU B 153 -10.96 26.55 6.43
C LEU B 153 -10.98 26.55 4.90
N TYR B 154 -10.62 25.43 4.29
CA TYR B 154 -10.53 25.32 2.84
C TYR B 154 -11.66 24.43 2.32
N ALA B 155 -12.37 24.91 1.29
CA ALA B 155 -13.44 24.18 0.63
C ALA B 155 -12.96 23.83 -0.77
N VAL B 156 -12.98 22.54 -1.11
CA VAL B 156 -12.23 22.02 -2.26
C VAL B 156 -13.15 21.21 -3.16
N GLY B 157 -13.23 21.60 -4.44
CA GLY B 157 -13.99 20.82 -5.42
C GLY B 157 -15.49 20.83 -5.18
N GLY B 158 -16.13 19.79 -5.70
CA GLY B 158 -17.57 19.61 -5.60
C GLY B 158 -18.31 19.88 -6.89
N PHE B 159 -19.61 20.17 -6.74
CA PHE B 159 -20.54 20.33 -7.86
C PHE B 159 -21.48 21.47 -7.53
N ASP B 160 -21.63 22.44 -8.43
CA ASP B 160 -22.36 23.67 -8.11
C ASP B 160 -23.81 23.67 -8.60
N GLY B 161 -24.30 22.54 -9.10
CA GLY B 161 -25.62 22.45 -9.70
C GLY B 161 -25.58 22.34 -11.21
N THR B 162 -24.58 22.93 -11.83
CA THR B 162 -24.37 22.81 -13.27
C THR B 162 -22.96 22.33 -13.62
N ASN B 163 -21.95 22.79 -12.89
CA ASN B 163 -20.56 22.47 -13.18
C ASN B 163 -19.95 21.62 -12.07
N ARG B 164 -19.16 20.63 -12.47
CA ARG B 164 -18.26 19.96 -11.54
C ARG B 164 -16.98 20.77 -11.43
N LEU B 165 -16.43 20.87 -10.22
CA LEU B 165 -15.48 21.92 -9.88
C LEU B 165 -14.07 21.39 -9.66
N ASN B 166 -13.08 22.06 -10.23
CA ASN B 166 -11.71 21.96 -9.73
C ASN B 166 -11.35 23.13 -8.83
N SER B 167 -12.26 24.08 -8.63
CA SER B 167 -11.92 25.27 -7.86
C SER B 167 -11.88 24.96 -6.37
N ALA B 168 -11.28 25.89 -5.64
CA ALA B 168 -11.15 25.80 -4.19
C ALA B 168 -11.14 27.20 -3.62
N GLU B 169 -11.53 27.32 -2.35
CA GLU B 169 -11.56 28.62 -1.72
C GLU B 169 -11.28 28.49 -0.23
N CYS B 170 -10.86 29.62 0.36
CA CYS B 170 -10.34 29.67 1.73
C CYS B 170 -11.19 30.61 2.57
N TYR B 171 -11.59 30.15 3.75
CA TYR B 171 -12.38 30.96 4.67
C TYR B 171 -11.51 31.46 5.81
N TYR B 172 -11.62 32.75 6.11
CA TYR B 172 -10.89 33.43 7.16
C TYR B 172 -11.84 33.69 8.32
N PRO B 173 -11.85 32.86 9.36
CA PRO B 173 -12.86 33.04 10.42
C PRO B 173 -12.79 34.39 11.11
N GLU B 174 -11.59 34.93 11.35
CA GLU B 174 -11.49 36.19 12.06
C GLU B 174 -12.02 37.35 11.24
N ARG B 175 -11.88 37.29 9.91
CA ARG B 175 -12.41 38.32 9.03
C ARG B 175 -13.82 38.00 8.53
N ASN B 176 -14.26 36.74 8.66
CA ASN B 176 -15.53 36.25 8.12
C ASN B 176 -15.66 36.54 6.63
N GLU B 177 -14.69 36.04 5.86
CA GLU B 177 -14.72 36.22 4.41
C GLU B 177 -14.03 35.04 3.72
N TRP B 178 -14.39 34.83 2.47
CA TRP B 178 -13.85 33.78 1.62
C TRP B 178 -13.03 34.39 0.49
N ARG B 179 -11.95 33.70 0.10
CA ARG B 179 -11.18 34.04 -1.09
C ARG B 179 -10.91 32.79 -1.93
N MET B 180 -11.03 32.91 -3.25
CA MET B 180 -10.65 31.80 -4.12
C MET B 180 -9.15 31.54 -4.00
N ILE B 181 -8.76 30.27 -4.10
CA ILE B 181 -7.35 29.94 -4.22
C ILE B 181 -7.10 29.29 -5.58
N THR B 182 -5.86 28.86 -5.82
CA THR B 182 -5.52 28.14 -7.04
C THR B 182 -6.39 26.91 -7.20
N PRO B 183 -6.96 26.67 -8.38
CA PRO B 183 -7.74 25.45 -8.59
C PRO B 183 -6.85 24.22 -8.71
N MET B 184 -7.46 23.07 -8.43
CA MET B 184 -6.78 21.80 -8.58
C MET B 184 -6.44 21.55 -10.04
N ASN B 185 -5.49 20.64 -10.26
CA ASN B 185 -5.22 20.13 -11.59
C ASN B 185 -6.39 19.32 -12.14
N THR B 186 -7.25 18.79 -11.28
CA THR B 186 -8.29 17.86 -11.66
C THR B 186 -9.64 18.30 -11.09
N ILE B 187 -10.70 18.17 -11.89
CA ILE B 187 -12.05 18.35 -11.39
C ILE B 187 -12.40 17.19 -10.47
N ARG B 188 -12.93 17.50 -9.28
CA ARG B 188 -13.27 16.46 -8.32
C ARG B 188 -14.51 16.86 -7.52
N SER B 189 -15.56 16.08 -7.65
CA SER B 189 -16.60 16.01 -6.63
C SER B 189 -16.47 14.68 -5.89
N GLY B 190 -16.92 14.66 -4.64
CA GLY B 190 -16.85 13.43 -3.86
C GLY B 190 -15.46 12.93 -3.58
N ALA B 191 -14.48 13.83 -3.50
CA ALA B 191 -13.12 13.47 -3.15
C ALA B 191 -12.97 13.41 -1.64
N GLY B 192 -11.91 12.74 -1.18
CA GLY B 192 -11.51 12.85 0.21
C GLY B 192 -10.49 13.96 0.34
N VAL B 193 -10.76 14.90 1.25
CA VAL B 193 -9.88 16.05 1.45
C VAL B 193 -9.46 16.09 2.90
N CYS B 194 -8.16 16.28 3.15
CA CYS B 194 -7.64 16.28 4.52
C CYS B 194 -6.36 17.10 4.56
N VAL B 195 -5.78 17.23 5.75
CA VAL B 195 -4.52 17.94 5.94
C VAL B 195 -3.50 16.97 6.52
N LEU B 196 -2.30 16.97 5.94
CA LEU B 196 -1.21 16.15 6.45
C LEU B 196 0.08 16.95 6.27
N HIS B 197 0.82 17.11 7.37
CA HIS B 197 2.12 17.77 7.38
C HIS B 197 2.09 19.07 6.56
N ASN B 198 1.12 19.92 6.90
CA ASN B 198 0.99 21.28 6.39
C ASN B 198 0.57 21.40 4.92
N CYS B 199 0.11 20.31 4.29
CA CYS B 199 -0.42 20.36 2.93
C CYS B 199 -1.85 19.87 2.92
N ILE B 200 -2.65 20.40 1.99
CA ILE B 200 -4.02 19.95 1.78
C ILE B 200 -4.01 18.87 0.70
N TYR B 201 -4.56 17.69 1.00
CA TYR B 201 -4.61 16.59 0.05
C TYR B 201 -6.03 16.45 -0.48
N ALA B 202 -6.15 16.20 -1.78
CA ALA B 202 -7.43 15.81 -2.40
C ALA B 202 -7.21 14.48 -3.09
N ALA B 203 -7.94 13.46 -2.65
CA ALA B 203 -7.75 12.08 -3.08
C ALA B 203 -9.02 11.57 -3.73
N GLY B 204 -8.89 11.03 -4.95
CA GLY B 204 -10.03 10.42 -5.60
C GLY B 204 -11.10 11.42 -6.00
N GLY B 205 -12.34 10.93 -6.00
CA GLY B 205 -13.48 11.69 -6.44
C GLY B 205 -13.92 11.32 -7.83
N TYR B 206 -14.72 12.21 -8.42
CA TYR B 206 -15.34 11.99 -9.72
C TYR B 206 -15.12 13.23 -10.57
N ASP B 207 -14.58 13.06 -11.78
CA ASP B 207 -14.22 14.22 -12.60
C ASP B 207 -15.28 14.58 -13.63
N GLY B 208 -16.46 13.96 -13.58
CA GLY B 208 -17.49 14.13 -14.60
C GLY B 208 -17.56 13.01 -15.61
N GLN B 209 -16.47 12.24 -15.75
CA GLN B 209 -16.37 11.06 -16.60
C GLN B 209 -16.18 9.79 -15.80
N ASP B 210 -15.18 9.78 -14.92
CA ASP B 210 -14.72 8.56 -14.27
C ASP B 210 -14.45 8.82 -12.79
N GLN B 211 -14.51 7.74 -12.01
CA GLN B 211 -13.93 7.76 -10.67
C GLN B 211 -12.42 7.85 -10.77
N LEU B 212 -11.81 8.52 -9.80
CA LEU B 212 -10.39 8.87 -9.84
C LEU B 212 -9.62 8.04 -8.83
N ASN B 213 -8.39 7.65 -9.18
CA ASN B 213 -7.43 7.22 -8.17
C ASN B 213 -6.34 8.25 -7.93
N SER B 214 -6.33 9.35 -8.67
CA SER B 214 -5.25 10.30 -8.53
C SER B 214 -5.40 11.09 -7.23
N VAL B 215 -4.28 11.58 -6.73
CA VAL B 215 -4.18 12.33 -5.49
C VAL B 215 -3.29 13.53 -5.72
N GLU B 216 -3.73 14.71 -5.31
CA GLU B 216 -2.90 15.91 -5.42
C GLU B 216 -2.93 16.68 -4.12
N ARG B 217 -1.88 17.47 -3.90
CA ARG B 217 -1.76 18.20 -2.66
C ARG B 217 -1.37 19.64 -2.91
N TYR B 218 -1.85 20.50 -2.03
CA TYR B 218 -1.71 21.94 -2.14
C TYR B 218 -0.73 22.43 -1.07
N ASP B 219 0.28 23.17 -1.49
CA ASP B 219 1.19 23.83 -0.59
C ASP B 219 0.74 25.29 -0.51
N VAL B 220 0.34 25.72 0.69
CA VAL B 220 -0.29 27.04 0.82
C VAL B 220 0.68 28.16 0.50
N GLU B 221 1.98 27.95 0.71
CA GLU B 221 2.91 29.04 0.44
C GLU B 221 3.32 29.11 -1.03
N THR B 222 3.60 27.97 -1.65
CA THR B 222 3.87 27.97 -3.09
C THR B 222 2.62 28.14 -3.93
N GLU B 223 1.44 27.98 -3.34
CA GLU B 223 0.15 28.09 -4.03
C GLU B 223 0.07 27.16 -5.24
N THR B 224 0.65 25.97 -5.11
CA THR B 224 0.72 25.00 -6.20
C THR B 224 0.13 23.67 -5.76
N TRP B 225 -0.65 23.06 -6.66
CA TRP B 225 -1.13 21.70 -6.51
C TRP B 225 -0.18 20.78 -7.26
N THR B 226 0.24 19.70 -6.59
CA THR B 226 1.16 18.72 -7.16
C THR B 226 0.60 17.32 -6.96
N PHE B 227 0.62 16.49 -8.02
CA PHE B 227 0.20 15.10 -7.87
C PHE B 227 1.21 14.30 -7.06
N VAL B 228 0.69 13.39 -6.24
CA VAL B 228 1.54 12.41 -5.56
C VAL B 228 1.15 11.03 -6.08
N ALA B 229 1.58 9.97 -5.41
CA ALA B 229 1.23 8.63 -5.88
C ALA B 229 -0.28 8.44 -5.86
N PRO B 230 -0.86 7.76 -6.86
CA PRO B 230 -2.29 7.47 -6.85
C PRO B 230 -2.63 6.34 -5.88
N MET B 231 -3.88 6.35 -5.41
CA MET B 231 -4.35 5.26 -4.57
C MET B 231 -4.38 3.95 -5.33
N ARG B 232 -4.46 2.85 -4.58
CA ARG B 232 -4.51 1.53 -5.20
C ARG B 232 -5.85 1.30 -5.89
N HIS B 233 -6.93 1.92 -5.41
CA HIS B 233 -8.26 1.78 -6.01
C HIS B 233 -8.80 3.15 -6.41
N HIS B 234 -9.44 3.21 -7.58
CA HIS B 234 -10.25 4.37 -7.91
C HIS B 234 -11.43 4.45 -6.96
N ARG B 235 -11.78 5.64 -6.50
CA ARG B 235 -12.92 5.74 -5.60
C ARG B 235 -13.47 7.16 -5.57
N SER B 236 -14.80 7.26 -5.49
CA SER B 236 -15.51 8.50 -5.20
C SER B 236 -16.38 8.28 -3.96
N ALA B 237 -16.76 9.37 -3.30
CA ALA B 237 -17.57 9.29 -2.08
C ALA B 237 -16.87 8.43 -1.03
N LEU B 238 -15.56 8.60 -0.94
CA LEU B 238 -14.72 7.92 0.03
C LEU B 238 -14.70 8.68 1.35
N GLY B 239 -14.50 7.94 2.46
CA GLY B 239 -14.14 8.58 3.71
C GLY B 239 -12.64 8.80 3.79
N ILE B 240 -12.21 9.74 4.64
CA ILE B 240 -10.80 10.06 4.75
C ILE B 240 -10.53 10.65 6.12
N THR B 241 -9.35 10.35 6.66
CA THR B 241 -8.89 10.96 7.91
C THR B 241 -7.37 10.81 7.97
N VAL B 242 -6.78 11.34 9.04
CA VAL B 242 -5.35 11.23 9.25
C VAL B 242 -5.13 10.64 10.64
N HIS B 243 -4.20 9.70 10.73
CA HIS B 243 -3.95 9.01 11.99
C HIS B 243 -2.47 8.71 12.05
N GLN B 244 -1.77 9.29 13.03
CA GLN B 244 -0.33 9.07 13.22
C GLN B 244 0.47 9.37 11.95
N GLY B 245 0.17 10.52 11.34
CA GLY B 245 0.98 10.99 10.23
C GLY B 245 0.77 10.28 8.91
N LYS B 246 -0.32 9.52 8.79
CA LYS B 246 -0.69 8.86 7.54
C LYS B 246 -2.14 9.15 7.22
N ILE B 247 -2.45 9.21 5.93
CA ILE B 247 -3.83 9.37 5.47
C ILE B 247 -4.44 7.99 5.39
N TYR B 248 -5.68 7.86 5.87
CA TYR B 248 -6.49 6.66 5.69
C TYR B 248 -7.70 7.02 4.83
N VAL B 249 -7.94 6.25 3.77
CA VAL B 249 -9.17 6.42 3.00
C VAL B 249 -10.01 5.15 3.17
N LEU B 250 -11.32 5.34 3.25
CA LEU B 250 -12.23 4.26 3.61
C LEU B 250 -13.35 4.17 2.58
N GLY B 251 -13.46 3.01 1.93
CA GLY B 251 -14.63 2.76 1.09
C GLY B 251 -14.72 3.65 -0.12
N GLY B 252 -15.96 3.89 -0.55
CA GLY B 252 -16.25 4.64 -1.76
C GLY B 252 -16.78 3.74 -2.85
N TYR B 253 -17.11 4.36 -3.97
CA TYR B 253 -17.62 3.67 -5.15
C TYR B 253 -16.58 3.75 -6.25
N ASP B 254 -16.24 2.61 -6.87
CA ASP B 254 -15.15 2.60 -7.84
C ASP B 254 -15.62 2.60 -9.28
N GLY B 255 -16.89 2.91 -9.53
CA GLY B 255 -17.49 2.80 -10.83
C GLY B 255 -18.28 1.51 -11.03
N HIS B 256 -18.06 0.51 -10.17
CA HIS B 256 -18.70 -0.79 -10.34
C HIS B 256 -19.15 -1.34 -8.99
N THR B 257 -18.35 -1.12 -7.96
CA THR B 257 -18.47 -1.79 -6.67
C THR B 257 -18.43 -0.77 -5.54
N PHE B 258 -19.20 -1.02 -4.49
CA PHE B 258 -19.02 -0.30 -3.24
C PHE B 258 -17.91 -0.99 -2.44
N LEU B 259 -16.81 -0.25 -2.24
CA LEU B 259 -15.57 -0.83 -1.73
C LEU B 259 -15.62 -1.03 -0.21
N ASP B 260 -15.00 -2.13 0.24
CA ASP B 260 -14.69 -2.29 1.65
C ASP B 260 -13.22 -2.01 1.96
N SER B 261 -12.42 -1.74 0.94
CA SER B 261 -11.00 -1.50 1.13
C SER B 261 -10.75 -0.23 1.95
N VAL B 262 -9.80 -0.32 2.88
CA VAL B 262 -9.21 0.83 3.56
C VAL B 262 -7.73 0.85 3.20
N GLU B 263 -7.26 1.98 2.68
CA GLU B 263 -5.85 2.07 2.35
C GLU B 263 -5.22 3.29 3.01
N CYS B 264 -3.89 3.23 3.12
CA CYS B 264 -3.08 4.10 3.95
C CYS B 264 -1.98 4.73 3.09
N TYR B 265 -1.81 6.05 3.20
CA TYR B 265 -0.79 6.77 2.46
C TYR B 265 0.39 7.08 3.37
N ASP B 266 1.58 6.65 2.96
CA ASP B 266 2.82 6.93 3.67
C ASP B 266 3.51 8.09 2.98
N PRO B 267 3.49 9.31 3.53
CA PRO B 267 4.06 10.45 2.81
C PRO B 267 5.57 10.39 2.67
N ASP B 268 6.27 9.64 3.54
CA ASP B 268 7.72 9.57 3.46
C ASP B 268 8.18 8.75 2.26
N SER B 269 7.46 7.69 1.93
CA SER B 269 7.79 6.86 0.78
C SER B 269 6.91 7.14 -0.42
N ASP B 270 5.90 8.01 -0.27
CA ASP B 270 4.94 8.30 -1.34
C ASP B 270 4.31 7.01 -1.86
N THR B 271 3.71 6.24 -0.94
CA THR B 271 3.13 4.94 -1.30
C THR B 271 1.82 4.73 -0.57
N TRP B 272 0.92 4.00 -1.21
CA TRP B 272 -0.37 3.62 -0.65
C TRP B 272 -0.39 2.12 -0.40
N SER B 273 -0.97 1.71 0.74
CA SER B 273 -1.01 0.30 1.12
C SER B 273 -2.39 -0.05 1.64
N GLU B 274 -2.86 -1.24 1.27
CA GLU B 274 -4.05 -1.81 1.89
C GLU B 274 -3.76 -2.15 3.34
N VAL B 275 -4.57 -1.64 4.26
CA VAL B 275 -4.28 -1.90 5.65
C VAL B 275 -5.38 -2.74 6.32
N THR B 276 -6.62 -2.60 5.87
CA THR B 276 -7.70 -3.44 6.39
C THR B 276 -8.88 -3.39 5.43
N ARG B 277 -9.96 -4.08 5.80
CA ARG B 277 -11.23 -4.01 5.09
C ARG B 277 -12.33 -3.68 6.09
N MET B 278 -13.26 -2.81 5.71
CA MET B 278 -14.42 -2.68 6.59
C MET B 278 -15.27 -3.96 6.55
N THR B 279 -16.18 -4.06 7.51
CA THR B 279 -16.98 -5.29 7.61
C THR B 279 -17.90 -5.46 6.41
N SER B 280 -18.14 -4.40 5.63
CA SER B 280 -18.97 -4.48 4.45
C SER B 280 -18.68 -3.26 3.58
N GLY B 281 -18.76 -3.45 2.26
CA GLY B 281 -18.49 -2.35 1.35
C GLY B 281 -19.54 -1.27 1.44
N ARG B 282 -19.10 -0.02 1.34
CA ARG B 282 -20.00 1.13 1.47
C ARG B 282 -19.30 2.39 0.96
N SER B 283 -20.12 3.40 0.66
CA SER B 283 -19.63 4.71 0.27
C SER B 283 -20.35 5.77 1.09
N GLY B 284 -19.90 7.01 0.93
CA GLY B 284 -20.59 8.14 1.54
C GLY B 284 -20.58 8.14 3.05
N VAL B 285 -19.52 7.62 3.66
CA VAL B 285 -19.41 7.56 5.12
C VAL B 285 -18.89 8.90 5.66
N GLY B 286 -19.08 9.10 6.96
CA GLY B 286 -18.39 10.14 7.70
C GLY B 286 -17.35 9.51 8.60
N VAL B 287 -16.16 10.13 8.67
CA VAL B 287 -15.01 9.55 9.35
C VAL B 287 -14.38 10.60 10.27
N ALA B 288 -13.90 10.17 11.44
CA ALA B 288 -13.15 11.05 12.32
C ALA B 288 -12.36 10.22 13.31
N VAL B 289 -11.39 10.84 13.98
CA VAL B 289 -10.45 10.14 14.87
C VAL B 289 -10.51 10.72 16.28
N THR B 290 -10.64 9.85 17.28
CA THR B 290 -10.52 10.28 18.68
C THR B 290 -10.24 9.11 19.62
C10 A1L98 C . 11.08 -8.25 -13.32
N12 A1L98 C . 7.46 -10.36 -12.36
C20 A1L98 C . 4.61 -7.73 -11.75
C21 A1L98 C . 3.56 -7.09 -12.46
C22 A1L98 C . 2.93 -7.78 -13.51
C24 A1L98 C . 4.37 -9.66 -13.09
C26 A1L98 C . 11.33 -4.90 -13.39
C28 A1L98 C . 10.47 -3.12 -14.85
C01 A1L98 C . 9.86 -9.91 -11.98
C02 A1L98 C . 11.03 -9.25 -12.28
C03 A1L98 C . 12.24 -9.55 -11.56
C04 A1L98 C . 12.23 -10.53 -10.56
C05 A1L98 C . 11.05 -11.22 -10.26
C06 A1L98 C . 9.86 -10.93 -10.96
C07 A1L98 C . 8.62 -9.66 -12.71
C08 A1L98 C . 8.63 -8.66 -13.70
C09 A1L98 C . 9.86 -7.97 -13.98
C19 A1L98 C . 5.05 -9.03 -12.03
C23 A1L98 C . 3.33 -9.06 -13.82
C27 A1L98 C . 11.46 -4.04 -14.48
C29 A1L98 C . 9.30 -3.02 -14.12
C30 A1L98 C . 9.09 -3.86 -13.00
C31 A1L98 C . 10.12 -4.79 -12.67
C33 A1L98 C . 7.36 -8.31 -14.51
C34 A1L98 C . 6.91 -6.81 -14.52
C35 A1L98 C . 7.10 -2.07 -13.84
C36 A1L98 C . 6.28 -0.86 -14.36
C37 A1L98 C . 1.70 -5.75 -14.11
C38 A1L98 C . 0.67 -5.29 -15.18
C39 A1L98 C . 5.99 -6.40 -15.71
C40 A1L98 C . 5.09 -5.16 -15.44
N11 A1L98 C . 12.22 -7.51 -13.63
O14 A1L98 C . 13.82 -5.62 -13.54
O15 A1L98 C . 12.59 -6.16 -11.56
O17 A1L98 C . 6.99 -9.07 -10.24
O18 A1L98 C . 5.79 -11.07 -10.67
O25 A1L98 C . 1.88 -7.16 -14.22
O32 A1L98 C . 8.36 -2.09 -14.52
O41 A1L98 C . 5.23 -4.54 -14.31
O42 A1L98 C . 4.25 -4.78 -16.31
S13 A1L98 C . 12.61 -6.05 -12.97
S16 A1L98 C . 6.38 -9.91 -11.18
C FMT D . 16.27 -36.38 0.21
O1 FMT D . 15.92 -37.32 -0.52
O2 FMT D . 17.18 -35.59 -0.08
C10 A1L98 E . -23.35 10.20 -2.79
N12 A1L98 E . -21.16 12.52 -5.69
C20 A1L98 E . -20.24 10.00 -8.63
C21 A1L98 E . -20.70 9.55 -9.89
C22 A1L98 E . -21.38 10.44 -10.73
C24 A1L98 E . -21.09 12.16 -9.04
C26 A1L98 E . -23.90 6.86 -3.12
C28 A1L98 E . -25.22 5.49 -4.72
C01 A1L98 E . -21.52 11.76 -3.35
C02 A1L98 E . -22.20 11.02 -2.42
C03 A1L98 E . -21.80 11.05 -1.03
C04 A1L98 E . -20.70 11.85 -0.65
C05 A1L98 E . -20.01 12.60 -1.60
C06 A1L98 E . -20.39 12.58 -2.95
C07 A1L98 E . -21.89 11.77 -4.77
C08 A1L98 E . -22.98 10.95 -5.15
C09 A1L98 E . -23.67 10.21 -4.16
C19 A1L98 E . -20.40 11.32 -8.16
C23 A1L98 E . -21.58 11.75 -10.30
C27 A1L98 E . -25.09 6.23 -3.50
C29 A1L98 E . -24.15 5.39 -5.59
C30 A1L98 E . -22.94 6.03 -5.25
C31 A1L98 E . -22.85 6.74 -4.03
C33 A1L98 E . -23.47 10.88 -6.63
C34 A1L98 E . -23.52 9.47 -7.32
C35 A1L98 E . -23.32 4.96 -7.82
C36 A1L98 E . -23.68 4.28 -9.17
C37 A1L98 E . -21.66 8.65 -12.43
C38 A1L98 E . -22.08 8.49 -13.92
C39 A1L98 E . -24.65 9.27 -8.37
C40 A1L98 E . -24.33 8.28 -9.52
N11 A1L98 E . -24.07 9.40 -1.91
O14 A1L98 E . -24.67 7.35 -0.62
O15 A1L98 E . -22.37 7.67 -1.17
O17 A1L98 E . -19.19 10.98 -5.79
O18 A1L98 E . -19.04 13.12 -6.82
O25 A1L98 E . -21.86 10.01 -12.00
O32 A1L98 E . -24.28 4.67 -6.79
O41 A1L98 E . -23.32 7.48 -9.38
O42 A1L98 E . -25.04 8.26 -10.57
S13 A1L98 E . -23.73 7.80 -1.58
S16 A1L98 E . -19.82 11.99 -6.53
C FMT F . -8.41 35.08 9.75
O1 FMT F . -9.01 34.14 10.27
O2 FMT F . -8.99 36.09 9.35
#